data_7S4N
#
_entry.id   7S4N
#
_cell.length_a   55.431
_cell.length_b   37.716
_cell.length_c   69.186
_cell.angle_alpha   90.000
_cell.angle_beta   112.664
_cell.angle_gamma   90.000
#
_symmetry.space_group_name_H-M   'P 1 21 1'
#
loop_
_entity.id
_entity.type
_entity.pdbx_description
1 polymer 'Evasin P974'
2 polymer 'C-C motif chemokine 17'
3 water water
#
loop_
_entity_poly.entity_id
_entity_poly.type
_entity_poly.pdbx_seq_one_letter_code
_entity_poly.pdbx_strand_id
1 'polypeptide(L)'
;DYDYGTDTCPFPVLANKTNKAKFVGCHQKCNGGDQKLTDGTACYVVERKVWDRMTPMLWYECPLGECKNGVCEDLRKKED
CRKGN
;
A,C
2 'polypeptide(L)' ARGTNVGRECCLEYFKGAIPLRKLKTWYQTSEDCSRDAIVFVTVQGRAICSDPNNKRVKNAVKYLQSLERS D,B
#
# COMPACT_ATOMS: atom_id res chain seq x y z
N TYR A 4 -0.75 1.38 -3.72
CA TYR A 4 0.60 1.78 -3.35
C TYR A 4 0.66 2.01 -1.85
N GLY A 5 -0.43 1.74 -1.17
CA GLY A 5 -0.54 2.08 0.23
C GLY A 5 -0.99 3.52 0.43
N THR A 6 -1.53 3.79 1.61
CA THR A 6 -2.04 5.11 1.92
C THR A 6 -1.10 5.91 2.80
N ASP A 7 0.12 5.42 3.02
CA ASP A 7 1.12 6.16 3.79
C ASP A 7 2.42 6.36 3.01
N THR A 8 2.41 6.10 1.69
CA THR A 8 3.62 6.18 0.89
C THR A 8 3.68 7.42 0.02
N CYS A 9 2.78 8.36 0.20
CA CYS A 9 2.88 9.61 -0.54
C CYS A 9 3.86 10.56 0.13
N PRO A 10 4.63 11.33 -0.64
CA PRO A 10 5.40 12.42 -0.06
C PRO A 10 4.46 13.41 0.63
N PHE A 11 4.96 14.01 1.72
CA PHE A 11 4.17 14.90 2.58
C PHE A 11 4.82 16.27 2.61
N PRO A 12 4.06 17.34 2.37
CA PRO A 12 4.67 18.68 2.31
C PRO A 12 5.34 19.06 3.63
N VAL A 13 6.48 19.74 3.51
CA VAL A 13 7.18 20.28 4.66
C VAL A 13 7.53 21.75 4.41
N LEU A 14 7.90 22.43 5.49
CA LEU A 14 8.50 23.76 5.46
C LEU A 14 9.74 23.75 6.32
N ALA A 15 10.79 24.44 5.89
CA ALA A 15 12.01 24.60 6.69
C ALA A 15 11.97 25.90 7.49
N ASN A 16 12.85 26.00 8.48
CA ASN A 16 12.91 27.20 9.30
C ASN A 16 14.33 27.74 9.22
N LYS A 17 14.68 28.68 10.09
CA LYS A 17 15.98 29.31 9.94
C LYS A 17 17.10 28.49 10.53
N THR A 18 16.79 27.37 11.17
CA THR A 18 17.80 26.40 11.59
C THR A 18 17.82 25.19 10.67
N ASN A 19 17.09 25.24 9.55
CA ASN A 19 17.03 24.19 8.54
C ASN A 19 16.24 22.96 8.95
N LYS A 20 15.59 22.96 10.11
CA LYS A 20 14.83 21.79 10.52
C LYS A 20 13.53 21.74 9.73
N ALA A 21 13.25 20.61 9.10
CA ALA A 21 11.98 20.48 8.38
C ALA A 21 10.85 20.10 9.33
N LYS A 22 9.68 20.69 9.09
CA LYS A 22 8.45 20.36 9.79
C LYS A 22 7.33 20.15 8.79
N PHE A 23 6.43 19.21 9.11
CA PHE A 23 5.35 18.87 8.18
C PHE A 23 4.24 19.91 8.18
N VAL A 24 3.60 20.05 7.02
CA VAL A 24 2.50 21.01 6.81
C VAL A 24 1.20 20.28 7.15
N GLY A 25 0.66 20.53 8.33
CA GLY A 25 -0.46 19.75 8.82
C GLY A 25 -0.02 18.33 9.19
N CYS A 26 -1.02 17.51 9.56
CA CYS A 26 -0.76 16.17 10.06
C CYS A 26 -1.60 15.12 9.34
N HIS A 27 -2.26 15.49 8.24
CA HIS A 27 -3.11 14.57 7.49
C HIS A 27 -3.06 15.00 6.04
N GLN A 28 -3.17 14.02 5.13
CA GLN A 28 -3.39 14.34 3.73
C GLN A 28 -4.03 13.14 3.06
N LYS A 29 -4.61 13.36 1.88
CA LYS A 29 -5.08 12.24 1.08
C LYS A 29 -3.90 11.61 0.37
N CYS A 30 -3.90 10.28 0.31
CA CYS A 30 -2.80 9.55 -0.31
C CYS A 30 -3.37 8.36 -1.06
N ASN A 31 -3.23 8.39 -2.38
CA ASN A 31 -3.78 7.36 -3.26
C ASN A 31 -5.22 7.05 -2.88
N GLY A 32 -6.00 8.12 -2.69
CA GLY A 32 -7.41 7.97 -2.38
C GLY A 32 -7.73 7.46 -0.99
N GLY A 33 -6.73 7.37 -0.11
CA GLY A 33 -6.94 6.99 1.27
C GLY A 33 -6.49 8.12 2.17
N ASP A 34 -6.59 7.89 3.48
CA ASP A 34 -6.22 8.90 4.46
C ASP A 34 -4.85 8.58 5.04
N GLN A 35 -3.98 9.58 5.04
CA GLN A 35 -2.63 9.48 5.59
C GLN A 35 -2.52 10.40 6.81
N LYS A 36 -2.19 9.82 7.96
CA LYS A 36 -2.02 10.58 9.19
C LYS A 36 -0.60 10.41 9.72
N LEU A 37 -0.01 11.52 10.16
CA LEU A 37 1.30 11.47 10.77
C LEU A 37 1.19 10.98 12.22
N THR A 38 2.29 10.44 12.72
CA THR A 38 2.27 9.85 14.05
C THR A 38 2.17 10.94 15.12
N ASP A 39 1.45 10.65 16.19
CA ASP A 39 1.30 11.58 17.30
C ASP A 39 2.66 12.02 17.83
N GLY A 40 2.78 13.32 18.11
CA GLY A 40 4.02 13.90 18.57
C GLY A 40 4.86 14.55 17.49
N THR A 41 4.57 14.28 16.22
CA THR A 41 5.32 14.86 15.13
C THR A 41 5.24 16.38 15.14
N ALA A 42 6.37 17.03 14.91
CA ALA A 42 6.40 18.48 14.80
C ALA A 42 5.77 18.92 13.49
N CYS A 43 4.93 19.95 13.55
CA CYS A 43 4.18 20.37 12.38
C CYS A 43 3.95 21.87 12.42
N TYR A 44 3.50 22.40 11.30
CA TYR A 44 3.04 23.77 11.19
C TYR A 44 1.54 23.78 10.94
N VAL A 45 0.83 24.69 11.61
CA VAL A 45 -0.63 24.78 11.47
C VAL A 45 -0.93 25.58 10.21
N VAL A 46 -0.71 24.96 9.05
CA VAL A 46 -0.83 25.60 7.74
C VAL A 46 -1.63 24.68 6.82
N GLU A 47 -2.64 25.23 6.16
CA GLU A 47 -3.45 24.45 5.23
C GLU A 47 -2.64 24.06 4.01
N ARG A 48 -2.87 22.84 3.49
CA ARG A 48 -2.16 22.42 2.28
C ARG A 48 -2.40 23.41 1.14
N LYS A 49 -3.64 23.84 0.97
CA LYS A 49 -3.95 24.74 -0.16
C LYS A 49 -3.30 26.10 0.00
N VAL A 50 -2.95 26.50 1.22
CA VAL A 50 -2.15 27.71 1.41
C VAL A 50 -0.69 27.44 1.07
N TRP A 51 -0.16 26.32 1.55
CA TRP A 51 1.19 25.91 1.19
C TRP A 51 1.37 25.88 -0.32
N ASP A 52 0.33 25.45 -1.06
CA ASP A 52 0.40 25.41 -2.52
C ASP A 52 0.67 26.78 -3.11
N ARG A 53 0.24 27.83 -2.43
CA ARG A 53 0.40 29.20 -2.91
C ARG A 53 1.71 29.82 -2.46
N MET A 54 2.40 29.18 -1.53
CA MET A 54 3.63 29.73 -0.98
C MET A 54 4.72 29.78 -2.05
N THR A 55 5.35 30.95 -2.17
CA THR A 55 6.45 31.15 -3.12
C THR A 55 7.73 30.54 -2.58
N PRO A 56 8.42 29.68 -3.35
CA PRO A 56 9.64 29.06 -2.80
C PRO A 56 10.64 30.10 -2.31
N MET A 57 11.16 29.86 -1.12
CA MET A 57 12.27 30.58 -0.51
C MET A 57 11.93 31.99 -0.04
N LEU A 58 10.67 32.40 -0.11
CA LEU A 58 10.28 33.60 0.61
C LEU A 58 9.95 33.20 2.05
N TRP A 59 10.17 34.14 2.98
CA TRP A 59 9.86 33.85 4.37
C TRP A 59 8.39 34.08 4.65
N TYR A 60 7.77 33.12 5.31
CA TYR A 60 6.40 33.25 5.80
C TYR A 60 6.44 33.13 7.32
N GLU A 61 5.28 33.25 7.95
CA GLU A 61 5.15 33.12 9.40
C GLU A 61 4.26 31.92 9.70
N CYS A 62 4.79 30.96 10.44
CA CYS A 62 4.14 29.68 10.64
C CYS A 62 3.80 29.46 12.10
N PRO A 63 2.57 29.07 12.42
CA PRO A 63 2.25 28.67 13.79
C PRO A 63 2.80 27.28 14.06
N LEU A 64 3.53 27.14 15.16
CA LEU A 64 4.05 25.83 15.54
C LEU A 64 2.93 24.97 16.09
N GLY A 65 3.03 23.66 15.83
CA GLY A 65 2.10 22.70 16.41
C GLY A 65 2.73 21.34 16.61
N GLU A 66 1.93 20.43 17.17
CA GLU A 66 2.23 19.01 17.23
C GLU A 66 1.02 18.20 16.83
N CYS A 67 1.29 17.09 16.13
CA CYS A 67 0.24 16.24 15.62
C CYS A 67 -0.42 15.49 16.76
N LYS A 68 -1.76 15.48 16.75
CA LYS A 68 -2.53 14.67 17.69
C LYS A 68 -3.75 14.19 16.94
N ASN A 69 -3.83 12.87 16.75
CA ASN A 69 -4.92 12.22 16.02
C ASN A 69 -5.11 12.85 14.63
N GLY A 70 -4.00 13.15 13.97
CA GLY A 70 -4.04 13.65 12.60
C GLY A 70 -4.30 15.13 12.45
N VAL A 71 -4.25 15.89 13.54
CA VAL A 71 -4.44 17.34 13.52
C VAL A 71 -3.22 18.02 14.10
N CYS A 72 -2.75 19.08 13.44
CA CYS A 72 -1.65 19.89 13.98
C CYS A 72 -2.23 20.82 15.04
N GLU A 73 -2.01 20.48 16.32
CA GLU A 73 -2.58 21.22 17.43
C GLU A 73 -1.67 22.38 17.79
N ASP A 74 -2.25 23.57 17.92
CA ASP A 74 -1.42 24.77 17.99
C ASP A 74 -0.68 24.84 19.32
N LEU A 75 0.60 25.18 19.25
CA LEU A 75 1.42 25.35 20.44
C LEU A 75 1.54 26.81 20.87
N ARG A 76 0.87 27.73 20.15
CA ARG A 76 0.79 29.15 20.51
C ARG A 76 2.15 29.82 20.43
N LYS A 77 2.95 29.41 19.44
CA LYS A 77 4.22 30.04 19.09
C LYS A 77 4.30 30.13 17.58
N LYS A 78 4.94 31.19 17.09
CA LYS A 78 5.17 31.40 15.66
C LYS A 78 6.66 31.37 15.36
N GLU A 79 7.02 30.97 14.13
CA GLU A 79 8.41 31.05 13.71
C GLU A 79 8.46 31.18 12.19
N ASP A 80 9.55 31.78 11.71
CA ASP A 80 9.78 31.91 10.27
C ASP A 80 9.84 30.54 9.60
N CYS A 81 9.22 30.44 8.42
CA CYS A 81 9.21 29.19 7.68
C CYS A 81 9.30 29.50 6.20
N ARG A 82 9.88 28.59 5.43
CA ARG A 82 10.13 28.82 4.02
C ARG A 82 9.94 27.52 3.26
N LYS A 83 9.42 27.64 2.04
CA LYS A 83 9.22 26.51 1.16
C LYS A 83 10.45 26.28 0.29
N GLY A 84 10.80 25.02 0.12
CA GLY A 84 11.97 24.68 -0.66
C GLY A 84 11.71 24.69 -2.15
N ASN A 85 12.79 24.50 -2.90
CA ASN A 85 12.71 24.43 -4.34
C ASN A 85 12.32 23.04 -4.83
N TYR B 2 13.79 -15.73 -1.57
CA TYR B 2 13.59 -14.53 -2.37
C TYR B 2 12.47 -14.73 -3.39
N ASP B 3 12.64 -15.71 -4.28
CA ASP B 3 11.66 -15.99 -5.33
C ASP B 3 10.58 -16.91 -4.76
N TYR B 4 9.40 -16.35 -4.50
CA TYR B 4 8.28 -17.10 -3.94
C TYR B 4 7.32 -17.61 -5.01
N GLY B 5 7.68 -17.48 -6.29
CA GLY B 5 6.79 -17.80 -7.38
C GLY B 5 5.86 -16.66 -7.73
N THR B 6 5.37 -16.69 -8.97
CA THR B 6 4.49 -15.63 -9.47
C THR B 6 3.02 -16.05 -9.52
N ASP B 7 2.65 -17.20 -8.93
CA ASP B 7 1.26 -17.59 -8.85
C ASP B 7 0.83 -17.92 -7.42
N THR B 8 1.64 -17.57 -6.42
CA THR B 8 1.35 -17.87 -5.03
C THR B 8 0.86 -16.66 -4.25
N CYS B 9 0.53 -15.56 -4.94
CA CYS B 9 -0.01 -14.41 -4.25
C CYS B 9 -1.51 -14.62 -3.96
N PRO B 10 -1.99 -14.15 -2.80
CA PRO B 10 -3.43 -14.09 -2.58
C PRO B 10 -4.08 -13.16 -3.59
N PHE B 11 -5.34 -13.44 -3.91
CA PHE B 11 -6.10 -12.74 -4.95
C PHE B 11 -7.36 -12.14 -4.34
N PRO B 12 -7.66 -10.86 -4.57
CA PRO B 12 -8.83 -10.24 -3.94
C PRO B 12 -10.12 -10.94 -4.32
N VAL B 13 -11.01 -11.09 -3.34
CA VAL B 13 -12.34 -11.65 -3.55
C VAL B 13 -13.36 -10.78 -2.84
N LEU B 14 -14.61 -11.02 -3.19
CA LEU B 14 -15.73 -10.53 -2.40
C LEU B 14 -16.59 -11.73 -2.09
N ALA B 15 -17.06 -11.78 -0.85
CA ALA B 15 -17.96 -12.82 -0.42
C ALA B 15 -19.38 -12.42 -0.81
N ASN B 16 -20.27 -13.39 -0.75
CA ASN B 16 -21.65 -13.19 -1.13
C ASN B 16 -22.50 -14.04 -0.21
N LYS B 17 -23.76 -14.21 -0.60
CA LYS B 17 -24.69 -14.98 0.21
C LYS B 17 -24.64 -16.48 -0.10
N THR B 18 -23.70 -16.94 -0.93
CA THR B 18 -23.48 -18.37 -1.13
C THR B 18 -22.27 -18.83 -0.32
N ASN B 19 -21.92 -20.11 -0.47
CA ASN B 19 -20.79 -20.69 0.25
C ASN B 19 -19.44 -20.43 -0.41
N LYS B 20 -19.37 -19.68 -1.51
CA LYS B 20 -18.10 -19.41 -2.18
C LYS B 20 -17.99 -17.96 -2.62
N ALA B 21 -16.89 -17.33 -2.24
CA ALA B 21 -16.54 -15.97 -2.64
C ALA B 21 -16.05 -15.99 -4.08
N LYS B 22 -16.17 -14.87 -4.76
CA LYS B 22 -15.75 -14.80 -6.16
C LYS B 22 -14.67 -13.75 -6.32
N PHE B 23 -13.76 -14.02 -7.25
CA PHE B 23 -12.59 -13.19 -7.42
C PHE B 23 -12.94 -11.84 -8.04
N VAL B 24 -12.18 -10.83 -7.63
CA VAL B 24 -12.34 -9.47 -8.11
C VAL B 24 -11.45 -9.35 -9.34
N GLY B 25 -12.08 -9.36 -10.53
CA GLY B 25 -11.32 -9.45 -11.75
C GLY B 25 -10.72 -10.83 -11.97
N CYS B 26 -9.94 -10.92 -13.05
CA CYS B 26 -9.39 -12.19 -13.48
C CYS B 26 -7.89 -12.13 -13.71
N HIS B 27 -7.24 -11.03 -13.34
CA HIS B 27 -5.81 -10.89 -13.52
C HIS B 27 -5.27 -9.96 -12.45
N GLN B 28 -4.04 -10.23 -12.01
CA GLN B 28 -3.32 -9.31 -11.17
C GLN B 28 -1.83 -9.58 -11.35
N LYS B 29 -1.01 -8.63 -10.90
CA LYS B 29 0.43 -8.84 -10.84
C LYS B 29 0.80 -9.61 -9.59
N CYS B 30 1.79 -10.49 -9.70
CA CYS B 30 2.24 -11.28 -8.55
C CYS B 30 3.74 -11.46 -8.63
N ASN B 31 4.45 -10.87 -7.67
CA ASN B 31 5.91 -10.96 -7.58
C ASN B 31 6.57 -10.66 -8.92
N GLY B 32 6.14 -9.58 -9.56
CA GLY B 32 6.70 -9.18 -10.84
C GLY B 32 6.31 -10.05 -12.01
N GLY B 33 5.33 -10.94 -11.83
CA GLY B 33 4.80 -11.74 -12.91
C GLY B 33 3.30 -11.54 -13.05
N ASP B 34 2.73 -12.28 -13.99
CA ASP B 34 1.30 -12.20 -14.28
C ASP B 34 0.58 -13.40 -13.68
N GLN B 35 -0.50 -13.12 -12.97
CA GLN B 35 -1.37 -14.15 -12.41
C GLN B 35 -2.71 -14.04 -13.14
N LYS B 36 -3.07 -15.08 -13.87
CA LYS B 36 -4.32 -15.12 -14.62
C LYS B 36 -5.18 -16.26 -14.12
N LEU B 37 -6.46 -15.98 -13.87
CA LEU B 37 -7.39 -17.01 -13.45
C LEU B 37 -7.82 -17.85 -14.64
N THR B 38 -8.24 -19.09 -14.37
CA THR B 38 -8.58 -20.00 -15.46
C THR B 38 -9.88 -19.55 -16.11
N ASP B 39 -9.95 -19.72 -17.44
CA ASP B 39 -11.17 -19.35 -18.15
C ASP B 39 -12.36 -20.07 -17.54
N GLY B 40 -13.46 -19.34 -17.37
CA GLY B 40 -14.66 -19.86 -16.77
C GLY B 40 -14.81 -19.55 -15.30
N THR B 41 -13.75 -19.10 -14.64
CA THR B 41 -13.81 -18.77 -13.23
C THR B 41 -14.86 -17.68 -12.98
N ALA B 42 -15.66 -17.87 -11.94
CA ALA B 42 -16.64 -16.88 -11.55
C ALA B 42 -15.96 -15.67 -10.93
N CYS B 43 -16.36 -14.46 -11.36
CA CYS B 43 -15.69 -13.25 -10.91
C CYS B 43 -16.72 -12.13 -10.78
N TYR B 44 -16.29 -11.03 -10.16
CA TYR B 44 -17.07 -9.79 -10.14
C TYR B 44 -16.38 -8.73 -10.99
N VAL B 45 -17.17 -7.99 -11.77
CA VAL B 45 -16.62 -6.95 -12.62
C VAL B 45 -16.45 -5.70 -11.78
N VAL B 46 -15.45 -5.71 -10.90
CA VAL B 46 -15.17 -4.63 -9.96
C VAL B 46 -13.69 -4.31 -10.07
N GLU B 47 -13.36 -3.04 -10.32
CA GLU B 47 -11.97 -2.65 -10.40
C GLU B 47 -11.30 -2.79 -9.04
N ARG B 48 -10.00 -3.14 -9.06
CA ARG B 48 -9.28 -3.35 -7.82
C ARG B 48 -9.34 -2.12 -6.92
N LYS B 49 -9.15 -0.93 -7.49
CA LYS B 49 -9.20 0.27 -6.66
C LYS B 49 -10.59 0.55 -6.13
N VAL B 50 -11.64 0.03 -6.76
CA VAL B 50 -12.97 0.14 -6.17
C VAL B 50 -13.10 -0.83 -5.01
N TRP B 51 -12.64 -2.07 -5.20
CA TRP B 51 -12.57 -3.02 -4.10
C TRP B 51 -11.82 -2.43 -2.91
N ASP B 52 -10.73 -1.71 -3.19
CA ASP B 52 -9.92 -1.13 -2.12
C ASP B 52 -10.71 -0.15 -1.27
N ARG B 53 -11.63 0.59 -1.90
CA ARG B 53 -12.37 1.63 -1.20
C ARG B 53 -13.66 1.13 -0.58
N MET B 54 -14.13 -0.06 -0.94
CA MET B 54 -15.32 -0.59 -0.30
C MET B 54 -15.04 -0.75 1.19
N THR B 55 -16.00 -0.37 2.00
CA THR B 55 -15.82 -0.43 3.45
C THR B 55 -15.89 -1.89 3.91
N PRO B 56 -14.90 -2.36 4.66
CA PRO B 56 -14.94 -3.75 5.14
C PRO B 56 -16.22 -4.06 5.90
N MET B 57 -16.77 -5.25 5.62
CA MET B 57 -17.90 -5.87 6.31
C MET B 57 -19.22 -5.21 5.98
N LEU B 58 -19.26 -4.24 5.07
CA LEU B 58 -20.51 -3.72 4.56
C LEU B 58 -20.93 -4.46 3.29
N TRP B 59 -22.23 -4.62 3.12
CA TRP B 59 -22.81 -5.25 1.93
C TRP B 59 -22.98 -4.24 0.80
N TYR B 60 -22.57 -4.64 -0.39
CA TYR B 60 -22.75 -3.91 -1.62
C TYR B 60 -23.45 -4.83 -2.63
N GLU B 61 -23.63 -4.31 -3.84
CA GLU B 61 -24.13 -5.06 -5.00
C GLU B 61 -23.07 -5.05 -6.08
N CYS B 62 -22.76 -6.24 -6.62
CA CYS B 62 -21.66 -6.46 -7.53
C CYS B 62 -22.16 -7.02 -8.86
N PRO B 63 -21.61 -6.57 -9.99
CA PRO B 63 -21.95 -7.20 -11.27
C PRO B 63 -21.21 -8.53 -11.43
N LEU B 64 -21.96 -9.60 -11.68
CA LEU B 64 -21.38 -10.92 -11.86
C LEU B 64 -20.77 -11.05 -13.25
N GLY B 65 -19.69 -11.82 -13.34
CA GLY B 65 -19.01 -12.06 -14.60
C GLY B 65 -18.39 -13.43 -14.65
N GLU B 66 -17.74 -13.72 -15.77
CA GLU B 66 -16.96 -14.94 -15.94
C GLU B 66 -15.63 -14.58 -16.59
N CYS B 67 -14.57 -15.24 -16.14
CA CYS B 67 -13.23 -14.95 -16.65
C CYS B 67 -13.04 -15.51 -18.06
N LYS B 68 -12.46 -14.69 -18.92
CA LYS B 68 -12.04 -15.11 -20.25
C LYS B 68 -10.80 -14.32 -20.62
N ASN B 69 -9.69 -15.02 -20.83
CA ASN B 69 -8.41 -14.41 -21.19
C ASN B 69 -8.00 -13.31 -20.20
N GLY B 70 -8.25 -13.56 -18.92
CA GLY B 70 -7.83 -12.65 -17.87
C GLY B 70 -8.73 -11.46 -17.66
N VAL B 71 -9.90 -11.42 -18.30
CA VAL B 71 -10.87 -10.35 -18.14
C VAL B 71 -12.16 -10.93 -17.58
N CYS B 72 -12.73 -10.25 -16.58
CA CYS B 72 -14.04 -10.63 -16.06
C CYS B 72 -15.12 -10.10 -17.00
N GLU B 73 -15.70 -10.99 -17.78
CA GLU B 73 -16.70 -10.61 -18.78
C GLU B 73 -18.08 -10.57 -18.16
N ASP B 74 -18.81 -9.47 -18.38
CA ASP B 74 -20.03 -9.22 -17.63
C ASP B 74 -21.14 -10.16 -18.07
N LEU B 75 -21.84 -10.75 -17.09
CA LEU B 75 -22.95 -11.64 -17.34
C LEU B 75 -24.31 -10.99 -17.14
N ARG B 76 -24.38 -9.69 -16.82
CA ARG B 76 -25.66 -8.98 -16.71
C ARG B 76 -26.53 -9.50 -15.57
N LYS B 77 -25.91 -9.82 -14.45
CA LYS B 77 -26.60 -10.19 -13.22
C LYS B 77 -25.94 -9.44 -12.08
N LYS B 78 -26.76 -9.05 -11.09
CA LYS B 78 -26.25 -8.40 -9.90
C LYS B 78 -26.31 -9.40 -8.76
N GLU B 79 -25.38 -9.24 -7.81
CA GLU B 79 -25.28 -10.16 -6.70
C GLU B 79 -24.79 -9.40 -5.48
N ASP B 80 -25.41 -9.67 -4.33
CA ASP B 80 -24.97 -9.04 -3.09
C ASP B 80 -23.53 -9.49 -2.81
N CYS B 81 -22.68 -8.54 -2.41
CA CYS B 81 -21.28 -8.84 -2.18
C CYS B 81 -20.75 -8.07 -0.98
N ARG B 82 -19.74 -8.64 -0.31
CA ARG B 82 -19.20 -8.09 0.93
C ARG B 82 -17.69 -8.28 0.97
N LYS B 83 -16.96 -7.25 1.39
CA LYS B 83 -15.51 -7.39 1.55
C LYS B 83 -15.18 -7.78 2.99
N GLY B 84 -14.25 -8.71 3.14
CA GLY B 84 -13.94 -9.21 4.46
C GLY B 84 -13.01 -8.31 5.24
N ASN B 85 -12.79 -8.70 6.50
CA ASN B 85 -11.89 -8.02 7.44
C ASN B 85 -12.28 -6.58 7.69
N ASN C 5 -11.18 -12.96 11.29
CA ASN C 5 -9.88 -12.59 10.74
C ASN C 5 -9.48 -13.48 9.57
N VAL C 6 -10.44 -13.76 8.67
CA VAL C 6 -10.17 -14.60 7.51
C VAL C 6 -9.61 -13.82 6.34
N GLY C 7 -9.48 -12.51 6.46
CA GLY C 7 -8.94 -11.79 5.33
C GLY C 7 -9.97 -11.51 4.26
N ARG C 8 -9.45 -11.02 3.14
CA ARG C 8 -10.26 -10.53 2.04
C ARG C 8 -9.76 -11.06 0.69
N GLU C 9 -8.93 -12.11 0.72
CA GLU C 9 -8.32 -12.69 -0.46
C GLU C 9 -8.32 -14.22 -0.36
N CYS C 10 -8.18 -14.86 -1.51
CA CYS C 10 -8.15 -16.30 -1.61
C CYS C 10 -6.95 -16.74 -2.44
N CYS C 11 -6.51 -17.97 -2.19
CA CYS C 11 -5.28 -18.48 -2.77
C CYS C 11 -5.57 -19.43 -3.93
N LEU C 12 -4.67 -19.40 -4.92
CA LEU C 12 -4.76 -20.23 -6.11
C LEU C 12 -3.72 -21.34 -6.16
N GLU C 13 -2.49 -21.03 -5.74
CA GLU C 13 -1.39 -21.98 -5.71
C GLU C 13 -0.59 -21.75 -4.44
N TYR C 14 0.08 -22.80 -3.98
CA TYR C 14 0.85 -22.73 -2.74
C TYR C 14 2.34 -22.62 -3.01
N PHE C 15 3.01 -21.79 -2.23
CA PHE C 15 4.45 -21.80 -2.13
C PHE C 15 4.90 -22.96 -1.25
N LYS C 16 5.77 -23.82 -1.78
CA LYS C 16 6.38 -24.91 -1.03
C LYS C 16 7.81 -24.52 -0.67
N GLY C 17 8.08 -24.32 0.61
CA GLY C 17 9.40 -23.89 1.02
C GLY C 17 9.39 -23.34 2.43
N ALA C 18 10.59 -22.94 2.87
CA ALA C 18 10.72 -22.44 4.22
C ALA C 18 10.03 -21.09 4.34
N ILE C 19 9.36 -20.88 5.47
CA ILE C 19 8.62 -19.66 5.75
C ILE C 19 9.51 -18.64 6.46
N PRO C 20 9.59 -17.40 5.94
CA PRO C 20 10.41 -16.36 6.58
C PRO C 20 9.81 -15.88 7.90
N LEU C 21 9.87 -16.72 8.94
CA LEU C 21 9.22 -16.39 10.21
C LEU C 21 9.74 -15.07 10.79
N ARG C 22 11.05 -14.81 10.66
CA ARG C 22 11.60 -13.58 11.21
C ARG C 22 11.19 -12.34 10.43
N LYS C 23 10.76 -12.50 9.18
CA LYS C 23 10.35 -11.39 8.32
C LYS C 23 8.85 -11.11 8.34
N LEU C 24 8.08 -11.81 9.16
CA LEU C 24 6.63 -11.70 9.08
C LEU C 24 6.10 -10.39 9.65
N LYS C 25 5.17 -9.79 8.91
CA LYS C 25 4.36 -8.67 9.38
C LYS C 25 3.01 -9.14 9.91
N THR C 26 2.38 -10.11 9.25
CA THR C 26 1.14 -10.68 9.74
C THR C 26 0.93 -12.01 9.01
N TRP C 27 -0.14 -12.71 9.38
CA TRP C 27 -0.47 -14.01 8.80
C TRP C 27 -1.93 -14.29 9.09
N TYR C 28 -2.55 -15.13 8.26
CA TYR C 28 -3.91 -15.55 8.51
C TYR C 28 -4.27 -16.78 7.70
N GLN C 29 -5.38 -17.39 8.09
CA GLN C 29 -5.97 -18.49 7.35
C GLN C 29 -7.12 -17.91 6.52
N THR C 30 -7.13 -18.22 5.22
CA THR C 30 -8.17 -17.70 4.35
C THR C 30 -9.55 -18.26 4.72
N SER C 31 -10.57 -17.59 4.21
CA SER C 31 -11.95 -17.91 4.54
C SER C 31 -12.37 -19.26 3.98
N GLU C 32 -13.27 -19.94 4.68
CA GLU C 32 -13.87 -21.15 4.14
C GLU C 32 -14.66 -20.88 2.86
N ASP C 33 -14.96 -19.60 2.57
CA ASP C 33 -15.60 -19.22 1.32
C ASP C 33 -14.64 -19.23 0.15
N CYS C 34 -13.36 -19.45 0.39
CA CYS C 34 -12.39 -19.55 -0.70
C CYS C 34 -12.54 -20.88 -1.40
N SER C 35 -12.11 -20.92 -2.66
CA SER C 35 -12.19 -22.15 -3.45
C SER C 35 -11.27 -23.24 -2.91
N ARG C 36 -10.20 -22.85 -2.21
CA ARG C 36 -9.32 -23.80 -1.52
C ARG C 36 -8.87 -23.20 -0.19
N ASP C 37 -8.44 -24.07 0.71
CA ASP C 37 -7.90 -23.66 1.99
C ASP C 37 -6.46 -23.18 1.83
N ALA C 38 -6.07 -22.26 2.72
CA ALA C 38 -4.70 -21.74 2.65
C ALA C 38 -4.33 -21.02 3.92
N ILE C 39 -3.03 -20.99 4.20
CA ILE C 39 -2.45 -20.04 5.13
C ILE C 39 -1.69 -19.00 4.33
N VAL C 40 -1.92 -17.73 4.64
CA VAL C 40 -1.19 -16.61 4.02
C VAL C 40 -0.22 -16.04 5.04
N PHE C 41 1.06 -15.98 4.66
CA PHE C 41 2.08 -15.27 5.43
C PHE C 41 2.44 -13.98 4.70
N VAL C 42 2.44 -12.86 5.42
CA VAL C 42 2.83 -11.56 4.86
C VAL C 42 4.11 -11.09 5.53
N THR C 43 5.13 -10.79 4.73
CA THR C 43 6.40 -10.32 5.27
C THR C 43 6.38 -8.80 5.44
N VAL C 44 7.36 -8.29 6.19
CA VAL C 44 7.48 -6.85 6.43
C VAL C 44 7.87 -6.11 5.16
N GLN C 45 8.37 -6.82 4.14
CA GLN C 45 8.69 -6.22 2.86
C GLN C 45 7.53 -6.31 1.87
N GLY C 46 6.36 -6.76 2.32
CA GLY C 46 5.18 -6.74 1.49
C GLY C 46 4.95 -7.94 0.60
N ARG C 47 5.63 -9.06 0.85
CA ARG C 47 5.33 -10.29 0.12
C ARG C 47 4.19 -11.02 0.82
N ALA C 48 3.19 -11.42 0.04
CA ALA C 48 2.06 -12.19 0.56
C ALA C 48 2.16 -13.59 -0.03
N ILE C 49 2.22 -14.61 0.82
CA ILE C 49 2.62 -15.95 0.42
C ILE C 49 1.54 -16.95 0.78
N CYS C 50 0.86 -17.48 -0.23
CA CYS C 50 -0.09 -18.56 -0.04
C CYS C 50 0.64 -19.86 0.32
N SER C 51 0.09 -20.61 1.28
CA SER C 51 0.74 -21.80 1.83
C SER C 51 -0.29 -22.89 2.07
N ASP C 52 0.16 -24.13 1.89
CA ASP C 52 -0.69 -25.31 2.08
C ASP C 52 -0.89 -25.61 3.56
N PRO C 53 -2.12 -25.55 4.08
CA PRO C 53 -2.33 -25.83 5.51
C PRO C 53 -2.06 -27.26 5.91
N ASN C 54 -1.78 -28.16 4.96
CA ASN C 54 -1.48 -29.55 5.26
C ASN C 54 0.00 -29.87 5.19
N ASN C 55 0.85 -28.92 4.77
CA ASN C 55 2.29 -29.14 4.73
C ASN C 55 2.88 -29.00 6.14
N LYS C 56 3.81 -29.91 6.47
CA LYS C 56 4.37 -29.93 7.81
C LYS C 56 5.03 -28.60 8.18
N ARG C 57 5.77 -28.01 7.23
CA ARG C 57 6.41 -26.72 7.52
C ARG C 57 5.37 -25.68 7.89
N VAL C 58 4.22 -25.69 7.22
CA VAL C 58 3.17 -24.71 7.48
C VAL C 58 2.50 -24.98 8.82
N LYS C 59 2.15 -26.24 9.08
CA LYS C 59 1.59 -26.59 10.38
C LYS C 59 2.53 -26.19 11.52
N ASN C 60 3.83 -26.41 11.33
CA ASN C 60 4.81 -26.00 12.34
C ASN C 60 4.81 -24.47 12.53
N ALA C 61 4.75 -23.72 11.43
CA ALA C 61 4.79 -22.26 11.53
C ALA C 61 3.55 -21.71 12.21
N VAL C 62 2.38 -22.23 11.87
CA VAL C 62 1.16 -21.77 12.52
C VAL C 62 1.19 -22.06 14.00
N LYS C 63 1.64 -23.27 14.40
CA LYS C 63 1.68 -23.61 15.81
C LYS C 63 2.65 -22.72 16.57
N TYR C 64 3.78 -22.39 15.96
CA TYR C 64 4.70 -21.41 16.55
C TYR C 64 4.04 -20.04 16.69
N LEU C 65 3.42 -19.54 15.61
CA LEU C 65 2.88 -18.19 15.61
C LEU C 65 1.74 -18.03 16.61
N GLN C 66 0.90 -19.07 16.77
CA GLN C 66 -0.19 -18.97 17.73
C GLN C 66 0.32 -18.91 19.17
N SER C 67 1.50 -19.49 19.42
CA SER C 67 2.09 -19.47 20.76
C SER C 67 2.60 -18.09 21.15
N LEU C 68 2.78 -17.18 20.18
CA LEU C 68 3.25 -15.84 20.49
C LEU C 68 2.16 -15.04 21.20
N GLU C 69 2.57 -14.33 22.26
CA GLU C 69 1.63 -13.64 23.11
C GLU C 69 1.07 -12.38 22.44
N ARG C 70 -0.18 -12.08 22.75
CA ARG C 70 -0.82 -10.83 22.36
C ARG C 70 -0.62 -9.79 23.46
N SER C 71 -0.58 -8.52 23.06
CA SER C 71 -0.38 -7.42 24.01
C SER C 71 -1.39 -7.44 25.15
N GLY D 7 14.50 20.71 -1.26
CA GLY D 7 13.20 20.14 -1.62
C GLY D 7 12.05 20.55 -0.72
N ARG D 8 10.85 20.03 -1.02
CA ARG D 8 9.64 20.51 -0.37
C ARG D 8 8.71 19.40 0.14
N GLU D 9 9.11 18.14 0.11
CA GLU D 9 8.31 17.06 0.66
C GLU D 9 9.21 16.02 1.31
N CYS D 10 8.65 15.30 2.27
CA CYS D 10 9.39 14.24 2.96
C CYS D 10 8.53 12.98 3.03
N CYS D 11 9.21 11.83 3.07
CA CYS D 11 8.55 10.53 3.05
C CYS D 11 8.50 9.92 4.44
N LEU D 12 7.40 9.25 4.75
CA LEU D 12 7.23 8.63 6.06
C LEU D 12 7.35 7.12 6.00
N GLU D 13 6.84 6.52 4.94
CA GLU D 13 6.85 5.07 4.75
C GLU D 13 7.14 4.79 3.29
N TYR D 14 7.68 3.61 3.02
CA TYR D 14 8.03 3.19 1.67
C TYR D 14 6.98 2.26 1.08
N PHE D 15 6.77 2.38 -0.23
CA PHE D 15 5.98 1.39 -0.93
C PHE D 15 6.72 0.07 -0.91
N LYS D 16 6.04 -0.97 -0.43
CA LYS D 16 6.61 -2.31 -0.41
C LYS D 16 6.02 -3.05 -1.60
N GLY D 17 6.79 -3.09 -2.67
CA GLY D 17 6.40 -3.77 -3.89
C GLY D 17 7.19 -3.20 -5.05
N ALA D 18 7.08 -3.88 -6.17
CA ALA D 18 7.77 -3.46 -7.38
C ALA D 18 6.90 -2.51 -8.20
N ILE D 19 7.50 -1.43 -8.68
CA ILE D 19 6.90 -0.59 -9.72
C ILE D 19 7.53 -1.02 -11.04
N PRO D 20 6.75 -1.34 -12.06
CA PRO D 20 7.37 -1.72 -13.34
C PRO D 20 8.12 -0.54 -13.93
N LEU D 21 9.28 -0.83 -14.52
CA LEU D 21 10.16 0.21 -15.04
C LEU D 21 9.45 1.08 -16.06
N ARG D 22 8.60 0.48 -16.89
CA ARG D 22 7.91 1.21 -17.95
C ARG D 22 6.91 2.21 -17.40
N LYS D 23 6.52 2.08 -16.13
CA LYS D 23 5.60 3.04 -15.56
C LYS D 23 6.31 4.22 -14.93
N LEU D 24 7.64 4.20 -14.86
CA LEU D 24 8.41 5.25 -14.22
C LEU D 24 8.65 6.37 -15.22
N LYS D 25 8.38 7.60 -14.81
CA LYS D 25 8.71 8.78 -15.61
C LYS D 25 9.98 9.47 -15.13
N THR D 26 10.10 9.70 -13.84
CA THR D 26 11.24 10.42 -13.30
C THR D 26 11.36 10.11 -11.82
N TRP D 27 12.33 10.76 -11.19
CA TRP D 27 12.68 10.46 -9.81
C TRP D 27 13.35 11.67 -9.20
N TYR D 28 13.40 11.67 -7.87
CA TYR D 28 14.23 12.62 -7.14
C TYR D 28 14.45 12.05 -5.74
N GLN D 29 15.45 12.60 -5.08
CA GLN D 29 15.76 12.28 -3.69
C GLN D 29 15.24 13.38 -2.79
N THR D 30 14.54 12.99 -1.73
CA THR D 30 14.10 13.96 -0.72
C THR D 30 15.32 14.55 0.00
N SER D 31 15.08 15.65 0.70
CA SER D 31 16.15 16.35 1.39
C SER D 31 16.68 15.54 2.58
N GLU D 32 17.98 15.65 2.82
CA GLU D 32 18.59 15.07 4.01
C GLU D 32 18.06 15.70 5.29
N ASP D 33 17.37 16.84 5.21
CA ASP D 33 16.73 17.43 6.38
C ASP D 33 15.42 16.73 6.73
N CYS D 34 14.98 15.77 5.92
CA CYS D 34 13.80 14.98 6.22
C CYS D 34 14.12 13.96 7.32
N SER D 35 13.07 13.52 8.02
CA SER D 35 13.26 12.55 9.09
C SER D 35 13.73 11.21 8.58
N ARG D 36 13.47 10.91 7.30
CA ARG D 36 13.96 9.71 6.65
C ARG D 36 14.49 10.08 5.28
N ASP D 37 15.40 9.28 4.76
CA ASP D 37 15.80 9.41 3.38
C ASP D 37 14.85 8.63 2.49
N ALA D 38 14.73 9.08 1.25
CA ALA D 38 13.83 8.38 0.33
C ALA D 38 14.15 8.77 -1.10
N ILE D 39 13.80 7.85 -1.99
CA ILE D 39 13.65 8.14 -3.41
C ILE D 39 12.17 8.29 -3.67
N VAL D 40 11.78 9.34 -4.37
CA VAL D 40 10.41 9.50 -4.82
C VAL D 40 10.41 9.24 -6.32
N PHE D 41 9.59 8.29 -6.74
CA PHE D 41 9.36 8.02 -8.14
C PHE D 41 8.06 8.68 -8.56
N VAL D 42 8.09 9.32 -9.73
CA VAL D 42 6.90 9.88 -10.35
C VAL D 42 6.60 9.00 -11.56
N THR D 43 5.40 8.44 -11.59
CA THR D 43 4.98 7.56 -12.66
C THR D 43 4.42 8.37 -13.83
N VAL D 44 4.19 7.67 -14.95
CA VAL D 44 3.65 8.30 -16.15
C VAL D 44 2.23 8.80 -15.92
N GLN D 45 1.57 8.34 -14.86
CA GLN D 45 0.27 8.83 -14.47
C GLN D 45 0.33 9.93 -13.44
N GLY D 46 1.52 10.40 -13.09
CA GLY D 46 1.63 11.54 -12.21
C GLY D 46 1.50 11.20 -10.75
N ARG D 47 1.61 9.93 -10.39
CA ARG D 47 1.61 9.49 -9.00
C ARG D 47 3.03 9.55 -8.44
N ALA D 48 3.14 10.02 -7.20
CA ALA D 48 4.43 10.12 -6.52
C ALA D 48 4.51 9.04 -5.44
N ILE D 49 5.57 8.26 -5.47
CA ILE D 49 5.67 7.02 -4.68
C ILE D 49 6.95 7.06 -3.85
N CYS D 50 6.82 7.15 -2.54
CA CYS D 50 7.99 7.07 -1.67
C CYS D 50 8.59 5.67 -1.71
N SER D 51 9.92 5.61 -1.85
CA SER D 51 10.57 4.33 -2.09
C SER D 51 11.83 4.20 -1.25
N ASP D 52 12.12 2.97 -0.85
CA ASP D 52 13.25 2.68 0.03
C ASP D 52 14.57 2.94 -0.68
N PRO D 53 15.35 3.93 -0.26
CA PRO D 53 16.59 4.26 -0.97
C PRO D 53 17.69 3.24 -0.76
N ASN D 54 17.48 2.25 0.11
CA ASN D 54 18.44 1.20 0.37
C ASN D 54 18.04 -0.12 -0.28
N ASN D 55 16.89 -0.15 -0.93
CA ASN D 55 16.47 -1.34 -1.65
C ASN D 55 17.17 -1.40 -3.01
N LYS D 56 17.76 -2.55 -3.33
CA LYS D 56 18.52 -2.65 -4.57
C LYS D 56 17.64 -2.36 -5.79
N ARG D 57 16.41 -2.87 -5.80
CA ARG D 57 15.54 -2.64 -6.94
C ARG D 57 15.29 -1.16 -7.18
N VAL D 58 15.17 -0.38 -6.09
CA VAL D 58 14.95 1.05 -6.20
C VAL D 58 16.20 1.73 -6.74
N LYS D 59 17.36 1.40 -6.16
CA LYS D 59 18.61 1.98 -6.63
C LYS D 59 18.82 1.68 -8.11
N ASN D 60 18.51 0.46 -8.53
CA ASN D 60 18.65 0.09 -9.93
C ASN D 60 17.71 0.87 -10.82
N ALA D 61 16.47 1.08 -10.36
CA ALA D 61 15.51 1.83 -11.17
C ALA D 61 15.97 3.28 -11.36
N VAL D 62 16.58 3.87 -10.32
CA VAL D 62 17.14 5.21 -10.46
C VAL D 62 18.23 5.21 -11.52
N LYS D 63 19.10 4.20 -11.50
CA LYS D 63 20.16 4.13 -12.51
C LYS D 63 19.57 3.93 -13.90
N TYR D 64 18.50 3.14 -14.00
CA TYR D 64 17.80 2.99 -15.27
C TYR D 64 17.31 4.33 -15.79
N LEU D 65 16.60 5.09 -14.93
CA LEU D 65 16.08 6.38 -15.35
C LEU D 65 17.21 7.35 -15.71
N GLN D 66 18.32 7.28 -14.97
CA GLN D 66 19.44 8.15 -15.29
C GLN D 66 20.06 7.82 -16.63
N SER D 67 20.06 6.55 -17.02
CA SER D 67 20.69 6.18 -18.29
C SER D 67 19.87 6.63 -19.48
N LEU D 68 18.56 6.77 -19.32
CA LEU D 68 17.72 7.30 -20.40
C LEU D 68 17.91 8.80 -20.59
N GLU D 69 18.39 9.51 -19.57
CA GLU D 69 18.44 10.97 -19.59
C GLU D 69 19.51 11.50 -20.54
#